data_5T5G
#
_entry.id   5T5G
#
_cell.length_a   88.957
_cell.length_b   88.957
_cell.length_c   34.989
_cell.angle_alpha   90.000
_cell.angle_beta   90.000
_cell.angle_gamma   120.000
#
_symmetry.space_group_name_H-M   'P 32 2 1'
#
loop_
_entity.id
_entity.type
_entity.pdbx_description
1 polymer 'N-lysine methyltransferase KMT5A'
2 non-polymer 'UNKNOWN ATOM OR ION'
3 non-polymer 7-(2-aminoethoxy)-6-methoxy-2-(pyrrolidin-1-yl)-N-[5-(pyrrolidin-1-yl)pentyl]quinazolin-4-amine
4 water water
#
_entity_poly.entity_id   1
_entity_poly.type   'polypeptide(L)'
_entity_poly.pdbx_seq_one_letter_code
;GKSKAELQSEERKRIDELIESGKEEGMKIDLIDGKGRGVIATKQFSRGDFVVEYHGDLIEITDAKKREALYAQDPSTGCY
MYYFQYLSKTYCVDATRETNRLGRLINHSKSGNCQTKLHDIDGVPHLILIASRDIAAGEELLYDYGDR
;
_entity_poly.pdbx_strand_id   A
#
loop_
_chem_comp.id
_chem_comp.type
_chem_comp.name
_chem_comp.formula
75P non-polymer 7-(2-aminoethoxy)-6-methoxy-2-(pyrrolidin-1-yl)-N-[5-(pyrrolidin-1-yl)pentyl]quinazolin-4-amine 'C24 H38 N6 O2'
UNX non-polymer 'UNKNOWN ATOM OR ION' ?
#
# COMPACT_ATOMS: atom_id res chain seq x y z
N SER A 3 -27.60 -10.19 -1.39
N SER A 3 -26.74 -11.84 -3.50
CA SER A 3 -26.78 -11.28 -2.00
CA SER A 3 -26.67 -11.11 -2.20
C SER A 3 -25.33 -11.18 -1.54
C SER A 3 -25.27 -11.14 -1.57
N LYS A 4 -24.62 -12.31 -1.58
CA LYS A 4 -23.20 -12.42 -1.14
C LYS A 4 -22.30 -11.86 -2.25
N ALA A 5 -22.65 -12.19 -3.50
CA ALA A 5 -22.04 -11.58 -4.69
C ALA A 5 -22.31 -10.08 -4.74
N GLU A 6 -23.58 -9.71 -4.61
CA GLU A 6 -24.02 -8.33 -4.50
C GLU A 6 -23.20 -7.52 -3.44
N LEU A 7 -23.01 -8.10 -2.25
CA LEU A 7 -22.22 -7.44 -1.18
C LEU A 7 -20.76 -7.21 -1.55
N GLN A 8 -20.16 -8.22 -2.20
CA GLN A 8 -18.74 -8.12 -2.63
C GLN A 8 -18.61 -7.04 -3.70
N SER A 9 -19.60 -6.95 -4.58
CA SER A 9 -19.63 -5.88 -5.59
C SER A 9 -19.66 -4.48 -4.98
N GLU A 10 -20.47 -4.28 -3.94
CA GLU A 10 -20.44 -3.03 -3.18
C GLU A 10 -19.06 -2.70 -2.67
N GLU A 11 -18.46 -3.69 -2.02
CA GLU A 11 -17.14 -3.53 -1.43
C GLU A 11 -16.08 -3.08 -2.43
N ARG A 12 -16.01 -3.76 -3.59
CA ARG A 12 -15.04 -3.38 -4.66
C ARG A 12 -15.24 -1.89 -5.06
N LYS A 13 -16.49 -1.44 -5.18
CA LYS A 13 -16.81 -0.02 -5.47
C LYS A 13 -16.28 0.93 -4.39
N ARG A 14 -16.48 0.57 -3.12
CA ARG A 14 -16.02 1.44 -2.08
C ARG A 14 -14.48 1.53 -2.10
N ILE A 15 -13.80 0.41 -2.33
CA ILE A 15 -12.32 0.43 -2.44
C ILE A 15 -11.91 1.35 -3.60
N ASP A 16 -12.56 1.20 -4.75
CA ASP A 16 -12.22 2.01 -5.93
C ASP A 16 -12.29 3.53 -5.64
N GLU A 17 -13.32 3.96 -4.93
CA GLU A 17 -13.44 5.38 -4.57
C GLU A 17 -12.28 5.78 -3.64
N LEU A 18 -11.98 4.96 -2.64
CA LEU A 18 -10.89 5.27 -1.70
C LEU A 18 -9.54 5.38 -2.37
N ILE A 19 -9.26 4.46 -3.29
CA ILE A 19 -8.02 4.53 -4.05
C ILE A 19 -7.97 5.79 -4.86
N GLU A 20 -9.02 6.00 -5.65
CA GLU A 20 -9.09 7.10 -6.58
C GLU A 20 -8.82 8.41 -5.86
N SER A 21 -9.56 8.64 -4.77
CA SER A 21 -9.48 9.88 -4.04
C SER A 21 -8.19 9.97 -3.25
N GLY A 22 -7.71 8.83 -2.75
CA GLY A 22 -6.49 8.79 -1.94
C GLY A 22 -6.42 9.69 -0.72
N LYS A 23 -7.52 9.78 0.01
CA LYS A 23 -7.58 10.60 1.24
C LYS A 23 -6.72 10.05 2.43
N GLU A 24 -6.58 8.73 2.49
CA GLU A 24 -5.77 8.08 3.53
C GLU A 24 -6.13 8.51 4.96
N GLU A 25 -7.41 8.39 5.30
CA GLU A 25 -7.93 8.77 6.61
C GLU A 25 -7.89 7.59 7.58
N GLY A 26 -8.00 7.85 8.88
CA GLY A 26 -7.96 6.79 9.90
C GLY A 26 -6.54 6.34 10.28
N MET A 27 -5.55 7.17 9.98
CA MET A 27 -4.17 6.86 10.29
C MET A 27 -3.33 8.11 10.37
N LYS A 28 -2.22 8.01 11.06
CA LYS A 28 -1.34 9.15 11.19
C LYS A 28 0.14 8.77 11.34
N ILE A 29 1.00 9.71 11.00
CA ILE A 29 2.44 9.51 11.09
C ILE A 29 2.87 9.47 12.55
N ASP A 30 3.73 8.49 12.84
CA ASP A 30 4.40 8.30 14.11
C ASP A 30 5.71 9.03 14.01
N LEU A 31 5.85 10.09 14.80
CA LEU A 31 7.00 10.96 14.71
C LEU A 31 7.99 10.62 15.80
N ILE A 32 9.24 10.40 15.43
CA ILE A 32 10.33 10.34 16.40
C ILE A 32 11.49 11.20 15.90
N ASP A 33 11.84 12.18 16.73
CA ASP A 33 12.88 13.18 16.44
C ASP A 33 12.60 14.01 15.18
N GLY A 34 11.34 14.45 15.02
CA GLY A 34 10.91 15.18 13.82
C GLY A 34 10.77 14.34 12.55
N LYS A 35 11.06 13.04 12.61
CA LYS A 35 11.05 12.17 11.44
C LYS A 35 9.87 11.20 11.50
N GLY A 36 9.19 11.04 10.37
CA GLY A 36 8.16 10.01 10.23
C GLY A 36 8.87 8.66 10.24
N ARG A 37 8.47 7.76 11.12
CA ARG A 37 9.16 6.46 11.19
C ARG A 37 8.18 5.25 11.23
N GLY A 38 6.89 5.54 11.08
CA GLY A 38 5.81 4.55 11.08
C GLY A 38 4.46 5.23 11.00
N VAL A 39 3.44 4.41 10.98
CA VAL A 39 2.10 4.87 10.88
C VAL A 39 1.23 4.15 11.91
N ILE A 40 0.38 4.94 12.57
CA ILE A 40 -0.52 4.50 13.64
C ILE A 40 -1.94 4.60 13.12
N ALA A 41 -2.75 3.60 13.43
CA ALA A 41 -4.20 3.66 13.18
C ALA A 41 -4.87 4.60 14.17
N THR A 42 -5.72 5.49 13.68
CA THR A 42 -6.47 6.40 14.54
C THR A 42 -7.93 6.04 14.56
N LYS A 43 -8.30 4.94 13.93
CA LYS A 43 -9.65 4.36 14.10
C LYS A 43 -9.53 2.85 14.03
N GLN A 44 -10.62 2.16 14.29
CA GLN A 44 -10.69 0.71 14.10
C GLN A 44 -10.77 0.30 12.63
N PHE A 45 -10.16 -0.83 12.31
CA PHE A 45 -10.36 -1.49 11.01
C PHE A 45 -10.84 -2.89 11.28
N SER A 46 -11.82 -3.36 10.52
CA SER A 46 -12.25 -4.76 10.59
C SER A 46 -11.42 -5.57 9.61
N ARG A 47 -11.33 -6.86 9.91
CA ARG A 47 -10.66 -7.78 9.06
C ARG A 47 -11.18 -7.69 7.62
N GLY A 48 -10.27 -7.56 6.67
CA GLY A 48 -10.62 -7.42 5.26
C GLY A 48 -10.82 -5.97 4.80
N ASP A 49 -10.88 -4.99 5.72
CA ASP A 49 -11.03 -3.59 5.28
C ASP A 49 -9.77 -3.08 4.59
N PHE A 50 -10.02 -2.24 3.59
CA PHE A 50 -9.02 -1.43 2.96
C PHE A 50 -8.35 -0.56 4.01
N VAL A 51 -7.03 -0.54 3.99
CA VAL A 51 -6.32 0.35 4.88
C VAL A 51 -5.70 1.50 4.05
N VAL A 52 -4.83 1.19 3.10
CA VAL A 52 -4.14 2.20 2.31
C VAL A 52 -3.52 1.59 1.07
N GLU A 53 -3.32 2.39 0.03
CA GLU A 53 -2.55 1.93 -1.12
C GLU A 53 -1.04 2.08 -0.88
N TYR A 54 -0.23 1.13 -1.35
CA TYR A 54 1.22 1.37 -1.46
C TYR A 54 1.43 2.13 -2.75
N HIS A 55 1.45 3.43 -2.61
CA HIS A 55 1.34 4.31 -3.71
C HIS A 55 2.74 4.79 -4.08
N GLY A 56 3.00 4.69 -5.37
CA GLY A 56 4.21 5.22 -6.01
C GLY A 56 3.92 5.31 -7.50
N ASP A 57 4.88 4.96 -8.34
CA ASP A 57 4.66 4.94 -9.80
C ASP A 57 4.61 3.47 -10.29
N LEU A 58 3.57 3.12 -11.03
CA LEU A 58 3.41 1.80 -11.65
C LEU A 58 4.16 1.80 -12.98
N ILE A 59 5.04 0.83 -13.17
CA ILE A 59 5.91 0.73 -14.36
C ILE A 59 6.13 -0.72 -14.73
N GLU A 60 6.34 -0.98 -16.04
CA GLU A 60 6.70 -2.29 -16.58
C GLU A 60 8.22 -2.46 -16.50
N ILE A 61 8.70 -3.71 -16.72
CA ILE A 61 10.07 -4.13 -16.39
C ILE A 61 11.14 -3.24 -17.02
N THR A 62 10.92 -2.81 -18.28
CA THR A 62 11.88 -1.97 -19.00
C THR A 62 12.22 -0.70 -18.23
N ASP A 63 11.23 0.09 -17.88
CA ASP A 63 11.46 1.33 -17.13
C ASP A 63 11.99 1.02 -15.72
N ALA A 64 11.57 -0.10 -15.17
CA ALA A 64 12.07 -0.52 -13.85
C ALA A 64 13.60 -0.65 -13.86
N LYS A 65 14.14 -1.33 -14.85
CA LYS A 65 15.60 -1.52 -14.91
C LYS A 65 16.34 -0.19 -15.10
N LYS A 66 15.74 0.74 -15.86
CA LYS A 66 16.31 2.08 -16.01
C LYS A 66 16.39 2.81 -14.69
N ARG A 67 15.31 2.76 -13.91
CA ARG A 67 15.29 3.47 -12.66
C ARG A 67 16.23 2.86 -11.67
N GLU A 68 16.21 1.53 -11.63
CA GLU A 68 17.08 0.77 -10.76
C GLU A 68 18.54 1.19 -10.94
N ALA A 69 18.99 1.23 -12.20
CA ALA A 69 20.36 1.73 -12.55
C ALA A 69 20.70 3.16 -12.02
N LEU A 70 19.70 4.06 -12.03
CA LEU A 70 19.84 5.43 -11.48
C LEU A 70 20.04 5.37 -9.98
N TYR A 71 19.13 4.69 -9.32
CA TYR A 71 19.18 4.61 -7.88
C TYR A 71 20.44 3.92 -7.35
N ALA A 72 21.04 3.05 -8.14
CA ALA A 72 22.34 2.47 -7.80
C ALA A 72 23.48 3.53 -7.64
N GLN A 73 23.33 4.70 -8.27
CA GLN A 73 24.26 5.82 -8.08
C GLN A 73 24.21 6.50 -6.67
N ASP A 74 23.09 6.39 -5.94
CA ASP A 74 22.97 6.80 -4.50
C ASP A 74 22.77 5.56 -3.57
N PRO A 75 23.86 5.05 -2.92
CA PRO A 75 23.75 3.95 -1.92
C PRO A 75 23.08 4.27 -0.55
N SER A 76 22.61 5.51 -0.34
CA SER A 76 21.70 5.83 0.77
C SER A 76 20.25 5.32 0.50
N THR A 77 19.90 5.16 -0.79
CA THR A 77 18.53 4.80 -1.27
C THR A 77 17.98 3.51 -0.68
N GLY A 78 16.81 3.61 -0.09
CA GLY A 78 16.04 2.45 0.24
C GLY A 78 15.58 1.68 -1.00
N CYS A 79 15.25 0.41 -0.76
CA CYS A 79 14.69 -0.48 -1.77
C CYS A 79 13.16 -0.43 -1.66
N TYR A 80 12.55 0.42 -2.46
CA TYR A 80 11.11 0.66 -2.42
C TYR A 80 10.41 0.09 -3.63
N MET A 81 11.15 -0.68 -4.44
CA MET A 81 10.61 -1.15 -5.71
C MET A 81 9.97 -2.51 -5.45
N TYR A 82 8.66 -2.62 -5.68
CA TYR A 82 7.92 -3.87 -5.43
C TYR A 82 7.49 -4.41 -6.79
N TYR A 83 8.09 -5.53 -7.21
CA TYR A 83 7.80 -6.18 -8.49
C TYR A 83 6.75 -7.21 -8.27
N PHE A 84 5.85 -7.37 -9.24
CA PHE A 84 4.81 -8.39 -9.15
C PHE A 84 4.23 -8.76 -10.54
N GLN A 85 3.39 -9.78 -10.54
CA GLN A 85 2.81 -10.36 -11.74
C GLN A 85 1.31 -10.07 -11.73
N TYR A 86 0.76 -9.53 -12.83
CA TYR A 86 -0.71 -9.40 -12.95
C TYR A 86 -1.20 -9.88 -14.31
N LEU A 87 -2.04 -10.92 -14.27
CA LEU A 87 -2.48 -11.65 -15.46
C LEU A 87 -1.21 -12.11 -16.22
N SER A 88 -1.10 -11.85 -17.52
CA SER A 88 0.12 -12.15 -18.29
C SER A 88 1.22 -11.06 -18.18
N LYS A 89 0.96 -9.95 -17.47
CA LYS A 89 1.89 -8.82 -17.42
C LYS A 89 2.64 -8.70 -16.08
N THR A 90 3.88 -8.19 -16.16
CA THR A 90 4.82 -8.00 -15.03
C THR A 90 5.16 -6.51 -14.69
N TYR A 91 4.70 -6.04 -13.54
CA TYR A 91 4.87 -4.63 -13.16
C TYR A 91 5.73 -4.45 -11.94
N CYS A 92 6.01 -3.20 -11.65
CA CYS A 92 6.69 -2.79 -10.46
C CYS A 92 6.05 -1.53 -9.92
N VAL A 93 5.72 -1.48 -8.63
CA VAL A 93 5.34 -0.22 -8.01
C VAL A 93 6.61 0.39 -7.40
N ASP A 94 7.01 1.56 -7.88
CA ASP A 94 8.22 2.21 -7.43
C ASP A 94 7.83 3.37 -6.53
N ALA A 95 8.11 3.22 -5.23
CA ALA A 95 7.79 4.23 -4.24
C ALA A 95 9.06 4.84 -3.61
N THR A 96 10.09 4.96 -4.42
CA THR A 96 11.39 5.43 -3.97
C THR A 96 11.35 6.92 -3.59
N ARG A 97 10.66 7.76 -4.36
CA ARG A 97 10.62 9.18 -4.06
C ARG A 97 9.82 9.48 -2.79
N GLU A 98 10.34 10.42 -2.01
CA GLU A 98 9.72 10.83 -0.79
C GLU A 98 8.50 11.72 -1.09
N THR A 99 7.34 11.28 -0.63
CA THR A 99 6.06 11.94 -0.87
C THR A 99 5.33 12.08 0.47
N ASN A 100 4.16 12.71 0.48
CA ASN A 100 3.32 12.69 1.70
C ASN A 100 2.43 11.45 1.84
N ARG A 101 2.67 10.39 1.07
CA ARG A 101 1.78 9.26 1.04
C ARG A 101 2.20 8.33 2.19
N LEU A 102 1.23 7.74 2.87
CA LEU A 102 1.51 7.00 4.10
C LEU A 102 1.78 5.53 3.91
N GLY A 103 1.32 4.95 2.80
CA GLY A 103 1.51 3.54 2.54
C GLY A 103 2.96 3.10 2.64
N ARG A 104 3.83 3.93 2.07
CA ARG A 104 5.27 3.62 2.02
C ARG A 104 6.03 3.82 3.37
N LEU A 105 5.35 4.33 4.39
CA LEU A 105 5.96 4.57 5.72
C LEU A 105 5.59 3.50 6.76
N ILE A 106 4.69 2.58 6.41
CA ILE A 106 4.23 1.50 7.27
C ILE A 106 5.34 0.46 7.35
N ASN A 107 5.77 0.19 8.55
CA ASN A 107 6.81 -0.82 8.75
C ASN A 107 6.32 -2.23 8.53
N HIS A 108 7.29 -3.11 8.29
CA HIS A 108 7.05 -4.53 8.11
C HIS A 108 7.07 -5.25 9.45
N SER A 109 6.25 -6.27 9.60
CA SER A 109 6.40 -7.21 10.68
C SER A 109 5.93 -8.58 10.25
N LYS A 110 6.66 -9.60 10.70
CA LYS A 110 6.31 -11.00 10.46
C LYS A 110 4.87 -11.30 10.82
N SER A 111 4.39 -10.76 11.93
CA SER A 111 3.01 -10.98 12.38
C SER A 111 2.29 -9.65 12.40
N GLY A 112 2.18 -9.06 11.22
CA GLY A 112 1.64 -7.72 11.10
C GLY A 112 0.15 -7.73 11.19
N ASN A 113 -0.45 -6.57 10.98
CA ASN A 113 -1.93 -6.47 10.94
C ASN A 113 -2.51 -6.06 9.57
N CYS A 114 -1.63 -5.81 8.60
CA CYS A 114 -1.98 -5.47 7.21
C CYS A 114 -1.34 -6.47 6.28
N GLN A 115 -2.00 -6.82 5.17
CA GLN A 115 -1.39 -7.67 4.16
C GLN A 115 -1.67 -7.15 2.78
N THR A 116 -0.86 -7.57 1.84
CA THR A 116 -0.96 -7.09 0.48
C THR A 116 -2.09 -7.77 -0.30
N LYS A 117 -2.67 -7.02 -1.24
CA LYS A 117 -3.71 -7.50 -2.16
C LYS A 117 -3.57 -6.68 -3.45
N LEU A 118 -3.82 -7.32 -4.59
CA LEU A 118 -3.94 -6.60 -5.85
C LEU A 118 -5.38 -6.22 -6.11
N HIS A 119 -5.59 -4.95 -6.43
CA HIS A 119 -6.93 -4.46 -6.69
C HIS A 119 -6.95 -3.83 -8.08
N ASP A 120 -7.76 -4.41 -8.95
CA ASP A 120 -7.90 -3.93 -10.30
C ASP A 120 -8.98 -2.88 -10.39
N ILE A 121 -8.68 -1.81 -11.12
CA ILE A 121 -9.67 -0.83 -11.53
C ILE A 121 -9.56 -0.73 -13.02
N ASP A 122 -10.58 -1.26 -13.69
CA ASP A 122 -10.65 -1.37 -15.14
C ASP A 122 -9.30 -1.54 -15.83
N GLY A 123 -8.60 -2.63 -15.52
CA GLY A 123 -7.33 -2.99 -16.16
C GLY A 123 -6.04 -2.65 -15.44
N VAL A 124 -6.01 -1.60 -14.61
CA VAL A 124 -4.79 -1.18 -13.91
C VAL A 124 -4.72 -1.79 -12.52
N PRO A 125 -3.63 -2.52 -12.21
CA PRO A 125 -3.51 -3.09 -10.86
C PRO A 125 -2.94 -2.09 -9.89
N HIS A 126 -3.51 -2.09 -8.69
CA HIS A 126 -3.05 -1.25 -7.60
C HIS A 126 -2.70 -2.17 -6.46
N LEU A 127 -1.58 -1.90 -5.79
CA LEU A 127 -1.18 -2.70 -4.62
C LEU A 127 -1.65 -1.96 -3.37
N ILE A 128 -2.54 -2.62 -2.63
CA ILE A 128 -3.24 -2.08 -1.49
C ILE A 128 -2.94 -2.96 -0.27
N LEU A 129 -3.08 -2.36 0.90
CA LEU A 129 -2.95 -3.05 2.13
C LEU A 129 -4.34 -3.13 2.73
N ILE A 130 -4.75 -4.34 3.08
CA ILE A 130 -5.98 -4.55 3.77
C ILE A 130 -5.71 -5.14 5.17
N ALA A 131 -6.65 -5.00 6.08
CA ALA A 131 -6.48 -5.50 7.43
C ALA A 131 -6.56 -7.06 7.44
N SER A 132 -5.53 -7.69 8.00
CA SER A 132 -5.47 -9.14 8.10
C SER A 132 -6.12 -9.62 9.38
N ARG A 133 -6.50 -8.70 10.23
CA ARG A 133 -7.30 -9.00 11.39
C ARG A 133 -7.97 -7.70 11.83
N ASP A 134 -8.84 -7.78 12.83
CA ASP A 134 -9.40 -6.59 13.41
C ASP A 134 -8.23 -5.79 14.00
N ILE A 135 -8.24 -4.48 13.72
CA ILE A 135 -7.22 -3.55 14.19
C ILE A 135 -7.85 -2.52 15.14
N ALA A 136 -7.17 -2.27 16.25
CA ALA A 136 -7.63 -1.31 17.26
C ALA A 136 -7.05 0.06 17.01
N ALA A 137 -7.83 1.08 17.33
CA ALA A 137 -7.37 2.45 17.18
C ALA A 137 -6.23 2.61 18.15
N GLY A 138 -5.13 3.18 17.66
CA GLY A 138 -3.91 3.39 18.42
C GLY A 138 -2.81 2.35 18.11
N GLU A 139 -3.13 1.24 17.45
CA GLU A 139 -2.10 0.31 16.99
C GLU A 139 -1.24 0.88 15.89
N GLU A 140 0.05 0.54 15.93
CA GLU A 140 0.89 0.69 14.77
C GLU A 140 0.43 -0.22 13.63
N LEU A 141 0.33 0.34 12.44
CA LEU A 141 0.07 -0.44 11.25
C LEU A 141 1.39 -1.09 10.85
N LEU A 142 1.34 -2.39 10.59
CA LEU A 142 2.47 -3.21 10.28
C LEU A 142 2.08 -4.18 9.16
N TYR A 143 2.85 -4.22 8.08
CA TYR A 143 2.52 -5.08 6.92
C TYR A 143 3.38 -6.38 6.83
N ASP A 144 2.80 -7.40 6.24
CA ASP A 144 3.50 -8.55 5.67
C ASP A 144 2.90 -8.85 4.26
N TYR A 145 3.50 -9.79 3.53
CA TYR A 145 3.09 -10.10 2.13
C TYR A 145 1.98 -11.17 1.97
UNK UNX B . 10.87 -6.69 10.48
UNK UNX C . -13.12 -1.44 3.03
UNK UNX D . -9.92 -10.71 13.24
UNK UNX E . -12.76 3.92 15.74
UNK UNX F . -9.53 9.06 13.51
UNK UNX G . 10.10 -1.52 7.11
C4 75P H . 8.04 -0.67 2.29
C5 75P H . 9.16 -0.95 1.45
C6 75P H . 8.90 -1.81 0.32
N1 75P H . 7.68 -2.31 0.11
N3 75P H . 6.80 -1.19 2.05
NBA 75P H . 10.56 1.81 7.62
CAZ 75P H . 9.43 2.50 6.94
CAY 75P H . 8.86 1.63 5.86
OAX 75P H . 9.79 1.41 4.82
CAW 75P H . 9.47 0.63 3.74
CAC 75P H . 10.58 0.34 2.92
OAB 75P H . 11.76 0.91 3.34
CAA 75P H . 12.92 0.75 2.51
CAD 75P H . 10.43 -0.43 1.81
CAV 75P H . 8.24 0.13 3.43
C2 75P H . 6.69 -2.00 0.97
NBB 75P H . 5.47 -2.53 0.73
CBF 75P H . 5.25 -3.49 -0.35
CBE 75P H . 3.76 -3.50 -0.49
CBD 75P H . 3.26 -3.27 0.91
CBC 75P H . 4.26 -2.34 1.53
NAG 75P H . 9.93 -2.12 -0.61
NAG 75P H . 9.92 -2.09 -0.63
CAH 75P H . 9.74 -2.97 -1.76
CAH 75P H . 9.80 -3.14 -1.64
CAI 75P H . 9.82 -4.43 -1.38
CAI 75P H . 10.13 -4.50 -1.07
CAJ 75P H . 11.25 -4.92 -1.25
CAJ 75P H . 11.58 -4.89 -1.30
CAK 75P H . 11.70 -5.29 0.15
CAK 75P H . 12.34 -5.30 -0.05
CAL 75P H . 13.21 -5.25 0.27
CAL 75P H . 13.49 -6.22 -0.40
NAM 75P H . 13.87 -6.60 0.25
NAM 75P H . 14.11 -6.87 0.81
CAN 75P H . 15.12 -6.70 1.07
CAN 75P H . 15.20 -6.05 1.46
CAQ 75P H . 14.29 -7.11 -1.10
CAQ 75P H . 14.72 -8.21 0.53
CAP 75P H . 15.19 -8.26 -0.76
CAP 75P H . 16.05 -8.21 1.23
CAO 75P H . 15.91 -7.85 0.49
CAO 75P H . 16.47 -6.82 1.23
#